data_1QYZ
#
_entry.id   1QYZ
#
_cell.length_a   87.463
_cell.length_b   87.463
_cell.length_c   32.209
_cell.angle_alpha   90.00
_cell.angle_beta   90.00
_cell.angle_gamma   120.00
#
_symmetry.space_group_name_H-M   'P 65'
#
loop_
_entity.id
_entity.type
_entity.pdbx_description
1 polymer 'Cytochrome c-552'
2 non-polymer '2-ACETYL-PROTOPORPHYRIN IX'
3 water water
#
_entity_poly.entity_id   1
_entity_poly.type   'polypeptide(L)'
_entity_poly.pdbx_seq_one_letter_code
;QADGAKIYAQCAGCHQQNGQGIPGAFPPLAGHVAEILAKEGGREYLILVLLYGLQGQIEVKGMKYNGVMSSFAQLKDEEI
AAVLNHIATAWGDAKKVKGFKPFTAEEVKKLRAKKLTPQQVLAERKKLGLK
;
_entity_poly.pdbx_strand_id   A
#
# COMPACT_ATOMS: atom_id res chain seq x y z
N ALA A 2 10.23 5.67 13.49
CA ALA A 2 9.76 6.63 12.49
C ALA A 2 8.32 7.06 12.76
N ASP A 3 7.97 8.26 12.30
CA ASP A 3 6.62 8.80 12.46
C ASP A 3 5.86 8.66 11.15
N GLY A 4 4.96 7.67 11.08
CA GLY A 4 4.32 7.37 9.80
C GLY A 4 3.44 8.51 9.31
N ALA A 5 2.85 9.23 10.27
CA ALA A 5 1.98 10.34 9.88
C ALA A 5 2.79 11.43 9.17
N LYS A 6 4.00 11.71 9.65
CA LYS A 6 4.81 12.75 9.03
C LYS A 6 5.35 12.29 7.69
N ILE A 7 5.77 11.02 7.62
CA ILE A 7 6.21 10.50 6.33
C ILE A 7 5.08 10.55 5.32
N TYR A 8 3.90 10.09 5.73
CA TYR A 8 2.75 10.12 4.84
C TYR A 8 2.46 11.53 4.34
N ALA A 9 2.52 12.52 5.22
CA ALA A 9 2.25 13.91 4.88
C ALA A 9 3.09 14.29 3.68
N GLN A 10 4.36 13.95 3.82
CA GLN A 10 5.38 14.33 2.86
C GLN A 10 5.19 13.56 1.54
N CYS A 11 4.27 12.68 1.44
CA CYS A 11 4.01 12.04 0.04
C CYS A 11 2.59 11.80 -0.32
N ALA A 12 1.69 12.64 0.32
CA ALA A 12 0.23 12.56 0.29
C ALA A 12 -0.38 13.31 -0.88
N GLY A 13 0.37 13.82 -1.86
CA GLY A 13 -0.25 14.72 -2.82
C GLY A 13 -1.12 14.02 -3.85
N CYS A 14 -1.07 12.68 -3.86
CA CYS A 14 -1.88 11.87 -4.76
C CYS A 14 -3.08 11.29 -4.03
N HIS A 15 -2.84 10.45 -2.99
CA HIS A 15 -3.93 9.81 -2.27
C HIS A 15 -4.60 10.75 -1.28
N GLN A 16 -4.04 11.93 -1.02
CA GLN A 16 -4.59 13.03 -0.23
C GLN A 16 -4.39 12.82 1.26
N GLN A 17 -4.36 13.94 1.99
CA GLN A 17 -4.13 13.85 3.44
C GLN A 17 -5.19 13.01 4.12
N ASN A 18 -6.41 13.02 3.57
CA ASN A 18 -7.51 12.23 4.13
C ASN A 18 -7.57 10.80 3.59
N GLY A 19 -6.64 10.41 2.74
CA GLY A 19 -6.52 9.11 2.12
C GLY A 19 -7.69 8.76 1.24
N GLN A 20 -8.55 9.67 0.85
CA GLN A 20 -9.72 9.30 0.03
C GLN A 20 -9.40 9.29 -1.45
N GLY A 21 -8.18 9.68 -1.86
CA GLY A 21 -7.82 9.69 -3.27
C GLY A 21 -8.54 10.72 -4.12
N ILE A 22 -8.40 10.56 -5.43
CA ILE A 22 -9.00 11.37 -6.48
C ILE A 22 -9.64 10.41 -7.50
N PRO A 23 -10.95 10.46 -7.62
CA PRO A 23 -11.67 9.52 -8.48
C PRO A 23 -11.05 9.39 -9.86
N GLY A 24 -10.78 8.15 -10.28
CA GLY A 24 -10.23 7.86 -11.59
C GLY A 24 -8.74 8.07 -11.70
N ALA A 25 -8.15 8.86 -10.79
CA ALA A 25 -6.74 9.21 -10.93
C ALA A 25 -5.87 8.49 -9.90
N PHE A 26 -6.16 8.73 -8.63
CA PHE A 26 -5.38 8.16 -7.52
C PHE A 26 -6.33 7.37 -6.62
N PRO A 27 -6.12 6.06 -6.46
CA PRO A 27 -7.15 5.30 -5.74
C PRO A 27 -7.20 5.63 -4.27
N PRO A 28 -8.37 5.42 -3.67
CA PRO A 28 -8.48 5.63 -2.22
C PRO A 28 -7.66 4.61 -1.43
N LEU A 29 -7.11 5.07 -0.32
CA LEU A 29 -6.52 4.22 0.70
C LEU A 29 -7.47 3.99 1.88
N ALA A 30 -8.06 5.08 2.37
CA ALA A 30 -9.11 4.97 3.40
C ALA A 30 -10.22 4.03 2.97
N GLY A 31 -10.54 3.04 3.80
CA GLY A 31 -11.53 2.03 3.51
C GLY A 31 -11.10 0.97 2.51
N HIS A 32 -9.93 1.10 1.89
CA HIS A 32 -9.51 0.13 0.88
C HIS A 32 -8.33 -0.70 1.36
N VAL A 33 -7.54 -0.11 2.26
CA VAL A 33 -6.44 -0.89 2.86
C VAL A 33 -7.01 -2.14 3.51
N ALA A 34 -8.18 -2.06 4.17
CA ALA A 34 -8.73 -3.24 4.83
C ALA A 34 -9.05 -4.38 3.85
N GLU A 35 -9.51 -3.96 2.66
CA GLU A 35 -9.85 -4.90 1.61
C GLU A 35 -8.63 -5.69 1.16
N ILE A 36 -7.47 -5.02 1.12
CA ILE A 36 -6.24 -5.69 0.70
C ILE A 36 -5.72 -6.56 1.84
N LEU A 37 -5.69 -6.03 3.06
CA LEU A 37 -5.22 -6.78 4.23
C LEU A 37 -6.03 -8.05 4.47
N ALA A 38 -7.28 -8.05 4.05
CA ALA A 38 -8.16 -9.22 4.25
C ALA A 38 -7.79 -10.38 3.36
N LYS A 39 -6.94 -10.13 2.36
CA LYS A 39 -6.51 -11.19 1.46
C LYS A 39 -5.23 -11.87 1.97
N GLU A 40 -5.14 -13.16 1.77
CA GLU A 40 -3.91 -13.91 2.02
C GLU A 40 -2.78 -13.35 1.18
N GLY A 41 -1.73 -12.77 1.76
CA GLY A 41 -0.63 -12.15 1.02
C GLY A 41 -0.81 -10.65 0.87
N GLY A 42 -1.90 -10.11 1.44
CA GLY A 42 -2.17 -8.68 1.33
C GLY A 42 -1.13 -7.82 1.98
N ARG A 43 -0.64 -8.21 3.16
CA ARG A 43 0.32 -7.31 3.85
C ARG A 43 1.64 -7.29 3.08
N GLU A 44 2.05 -8.40 2.50
CA GLU A 44 3.27 -8.43 1.70
C GLU A 44 3.14 -7.54 0.47
N TYR A 45 1.96 -7.59 -0.18
CA TYR A 45 1.66 -6.79 -1.36
C TYR A 45 1.80 -5.31 -1.05
N LEU A 46 1.28 -4.84 0.07
CA LEU A 46 1.39 -3.41 0.43
C LEU A 46 2.84 -2.99 0.55
N ILE A 47 3.69 -3.84 1.13
CA ILE A 47 5.11 -3.57 1.25
C ILE A 47 5.73 -3.51 -0.13
N LEU A 48 5.33 -4.45 -1.03
CA LEU A 48 5.91 -4.44 -2.37
C LEU A 48 5.59 -3.16 -3.14
N VAL A 49 4.37 -2.65 -2.99
CA VAL A 49 3.99 -1.42 -3.69
C VAL A 49 4.93 -0.31 -3.26
N LEU A 50 5.21 -0.22 -1.95
CA LEU A 50 6.06 0.89 -1.48
C LEU A 50 7.51 0.68 -1.91
N LEU A 51 7.98 -0.57 -1.92
CA LEU A 51 9.37 -0.82 -2.31
C LEU A 51 9.60 -0.65 -3.80
N TYR A 52 8.62 -1.10 -4.59
CA TYR A 52 8.87 -1.30 -6.02
C TYR A 52 7.91 -0.55 -6.94
N GLY A 53 6.87 0.08 -6.47
CA GLY A 53 5.93 0.82 -7.32
C GLY A 53 4.88 -0.09 -7.92
N LEU A 54 4.03 0.44 -8.81
CA LEU A 54 2.89 -0.27 -9.37
C LEU A 54 2.53 0.37 -10.71
N GLN A 55 2.04 -0.46 -11.62
CA GLN A 55 1.47 0.02 -12.87
C GLN A 55 0.41 -0.97 -13.30
N GLY A 56 -0.38 -0.62 -14.30
CA GLY A 56 -1.38 -1.51 -14.84
C GLY A 56 -2.80 -1.16 -14.49
N GLN A 57 -3.75 -1.70 -15.26
CA GLN A 57 -5.16 -1.45 -14.96
C GLN A 57 -5.61 -2.21 -13.72
N ILE A 58 -6.24 -1.51 -12.78
CA ILE A 58 -6.78 -2.11 -11.57
C ILE A 58 -8.18 -1.55 -11.30
N GLU A 59 -8.94 -2.22 -10.44
CA GLU A 59 -10.23 -1.74 -10.00
C GLU A 59 -10.21 -1.53 -8.49
N VAL A 60 -10.76 -0.40 -8.03
CA VAL A 60 -10.90 -0.07 -6.62
C VAL A 60 -12.26 0.56 -6.38
N LYS A 61 -13.01 -0.10 -5.50
CA LYS A 61 -14.38 0.35 -5.20
C LYS A 61 -15.18 0.57 -6.47
N GLY A 62 -14.99 -0.35 -7.43
CA GLY A 62 -15.76 -0.38 -8.65
C GLY A 62 -15.32 0.59 -9.73
N MET A 63 -14.30 1.39 -9.45
CA MET A 63 -13.77 2.34 -10.42
C MET A 63 -12.47 1.84 -11.04
N LYS A 64 -12.26 2.08 -12.32
CA LYS A 64 -11.03 1.69 -13.01
C LYS A 64 -9.92 2.71 -12.82
N TYR A 65 -8.71 2.24 -12.55
CA TYR A 65 -7.49 3.02 -12.56
C TYR A 65 -6.48 2.44 -13.55
N ASN A 66 -5.71 3.29 -14.19
CA ASN A 66 -4.69 2.81 -15.13
C ASN A 66 -3.54 3.81 -15.07
N GLY A 67 -2.98 3.90 -13.87
CA GLY A 67 -1.89 4.85 -13.65
C GLY A 67 -0.59 4.17 -13.26
N VAL A 68 0.36 4.98 -12.79
CA VAL A 68 1.67 4.55 -12.34
C VAL A 68 1.99 5.13 -10.97
N MET A 69 2.61 4.33 -10.13
CA MET A 69 3.15 4.83 -8.87
C MET A 69 4.64 4.44 -8.82
N SER A 70 5.46 5.40 -8.40
CA SER A 70 6.90 5.17 -8.25
C SER A 70 7.22 4.34 -7.03
N SER A 71 8.40 3.74 -7.03
CA SER A 71 9.03 3.14 -5.87
C SER A 71 9.33 4.21 -4.83
N PHE A 72 9.24 3.82 -3.58
CA PHE A 72 9.67 4.61 -2.42
C PHE A 72 10.73 3.88 -1.61
N ALA A 73 11.59 3.13 -2.31
CA ALA A 73 12.63 2.32 -1.66
C ALA A 73 13.70 3.18 -0.97
N GLN A 74 13.72 4.50 -1.23
CA GLN A 74 14.65 5.36 -0.51
C GLN A 74 14.23 5.48 0.96
N LEU A 75 13.00 5.12 1.30
CA LEU A 75 12.59 5.01 2.69
C LEU A 75 13.23 3.78 3.33
N LYS A 76 13.63 3.95 4.58
CA LYS A 76 14.23 2.81 5.26
C LYS A 76 13.17 1.78 5.65
N ASP A 77 13.62 0.59 6.03
CA ASP A 77 12.65 -0.46 6.41
C ASP A 77 11.69 0.04 7.48
N GLU A 78 12.19 0.75 8.49
CA GLU A 78 11.36 1.25 9.58
C GLU A 78 10.41 2.33 9.09
N GLU A 79 10.85 3.11 8.10
CA GLU A 79 10.00 4.19 7.58
C GLU A 79 8.89 3.58 6.73
N ILE A 80 9.18 2.54 5.92
CA ILE A 80 8.09 1.91 5.16
C ILE A 80 7.10 1.30 6.14
N ALA A 81 7.58 0.59 7.17
CA ALA A 81 6.68 0.02 8.17
C ALA A 81 5.80 1.10 8.77
N ALA A 82 6.37 2.25 9.11
CA ALA A 82 5.63 3.32 9.77
C ALA A 82 4.56 3.92 8.87
N VAL A 83 4.86 4.16 7.59
CA VAL A 83 3.80 4.74 6.76
C VAL A 83 2.70 3.72 6.49
N LEU A 84 3.02 2.42 6.42
CA LEU A 84 1.97 1.40 6.24
C LEU A 84 1.12 1.32 7.49
N ASN A 85 1.73 1.42 8.68
CA ASN A 85 0.88 1.45 9.89
C ASN A 85 0.00 2.70 9.87
N HIS A 86 0.51 3.82 9.35
CA HIS A 86 -0.38 5.00 9.26
C HIS A 86 -1.58 4.76 8.37
N ILE A 87 -1.38 4.27 7.14
CA ILE A 87 -2.53 4.13 6.22
C ILE A 87 -3.42 3.00 6.70
N ALA A 88 -2.93 2.05 7.49
CA ALA A 88 -3.78 0.98 8.02
C ALA A 88 -4.59 1.44 9.21
N THR A 89 -4.22 2.52 9.89
CA THR A 89 -4.92 2.91 11.12
C THR A 89 -5.61 4.28 11.12
N ALA A 90 -5.09 5.21 10.30
CA ALA A 90 -5.55 6.60 10.36
C ALA A 90 -7.03 6.75 10.01
N TRP A 91 -7.55 5.84 9.17
CA TRP A 91 -8.95 5.94 8.73
C TRP A 91 -9.78 4.73 9.14
N GLY A 92 -9.28 3.96 10.12
CA GLY A 92 -9.95 2.85 10.76
C GLY A 92 -9.91 1.53 10.04
N ASP A 93 -9.00 1.38 9.06
CA ASP A 93 -9.05 0.14 8.26
C ASP A 93 -8.68 -1.09 9.08
N ALA A 94 -7.70 -1.03 9.96
CA ALA A 94 -7.27 -2.22 10.68
C ALA A 94 -8.34 -2.76 11.63
N LYS A 95 -9.26 -1.89 11.98
CA LYS A 95 -10.36 -2.27 12.86
C LYS A 95 -11.32 -3.23 12.17
N LYS A 96 -11.17 -3.38 10.87
CA LYS A 96 -11.98 -4.37 10.16
C LYS A 96 -11.21 -5.67 9.98
N VAL A 97 -9.91 -5.82 10.24
CA VAL A 97 -9.43 -7.18 9.91
C VAL A 97 -8.99 -7.88 11.18
N LYS A 98 -9.52 -9.07 11.44
CA LYS A 98 -9.17 -9.76 12.68
C LYS A 98 -7.70 -10.19 12.64
N GLY A 99 -7.04 -10.12 13.78
CA GLY A 99 -5.67 -10.56 13.92
C GLY A 99 -4.61 -9.69 13.28
N PHE A 100 -4.95 -8.48 12.83
CA PHE A 100 -3.95 -7.54 12.33
C PHE A 100 -2.98 -7.17 13.45
N LYS A 101 -1.73 -7.19 13.06
CA LYS A 101 -0.56 -6.78 13.79
C LYS A 101 0.18 -5.72 13.00
N PRO A 102 0.70 -4.74 13.71
CA PRO A 102 1.45 -3.66 13.04
C PRO A 102 2.56 -4.20 12.18
N PHE A 103 2.81 -3.46 11.10
CA PHE A 103 3.92 -3.71 10.16
C PHE A 103 5.24 -3.53 10.89
N THR A 104 6.20 -4.38 10.58
CA THR A 104 7.52 -4.37 11.23
C THR A 104 8.67 -4.28 10.22
N ALA A 105 9.80 -3.73 10.67
CA ALA A 105 10.95 -3.53 9.79
C ALA A 105 11.43 -4.84 9.19
N GLU A 106 11.36 -5.93 9.94
CA GLU A 106 11.87 -7.19 9.39
C GLU A 106 11.03 -7.66 8.22
N GLU A 107 9.73 -7.41 8.20
CA GLU A 107 8.91 -7.76 7.04
C GLU A 107 9.39 -7.05 5.79
N VAL A 108 9.77 -5.77 5.97
CA VAL A 108 10.20 -4.99 4.79
C VAL A 108 11.58 -5.45 4.36
N LYS A 109 12.49 -5.69 5.29
CA LYS A 109 13.84 -6.14 4.99
C LYS A 109 13.82 -7.39 4.12
N LYS A 110 12.98 -8.37 4.50
CA LYS A 110 12.86 -9.62 3.79
C LYS A 110 12.44 -9.41 2.34
N LEU A 111 11.51 -8.47 2.12
CA LEU A 111 11.02 -8.27 0.73
C LEU A 111 11.94 -7.38 -0.09
N ARG A 112 12.77 -6.55 0.56
CA ARG A 112 13.74 -5.73 -0.17
C ARG A 112 14.82 -6.62 -0.78
N ALA A 113 14.95 -7.84 -0.28
CA ALA A 113 16.00 -8.74 -0.67
C ALA A 113 15.77 -9.42 -2.02
N LYS A 114 14.58 -9.24 -2.57
CA LYS A 114 14.21 -9.75 -3.89
C LYS A 114 13.52 -8.65 -4.71
N LYS A 115 14.33 -7.95 -5.52
CA LYS A 115 13.81 -6.79 -6.23
C LYS A 115 12.82 -7.19 -7.32
N LEU A 116 11.71 -6.46 -7.39
CA LEU A 116 10.66 -6.65 -8.39
C LEU A 116 10.49 -5.37 -9.21
N THR A 117 9.95 -5.53 -10.41
CA THR A 117 9.51 -4.42 -11.24
C THR A 117 8.07 -4.03 -10.91
N PRO A 118 7.63 -2.83 -11.24
CA PRO A 118 6.20 -2.52 -11.08
C PRO A 118 5.26 -3.51 -11.75
N GLN A 119 5.70 -4.05 -12.90
CA GLN A 119 4.83 -5.00 -13.60
C GLN A 119 4.71 -6.29 -12.79
N GLN A 120 5.78 -6.74 -12.13
CA GLN A 120 5.69 -7.89 -11.25
C GLN A 120 4.83 -7.60 -10.03
N VAL A 121 4.85 -6.35 -9.52
CA VAL A 121 3.95 -6.01 -8.38
C VAL A 121 2.50 -6.17 -8.82
N LEU A 122 2.16 -5.76 -10.05
CA LEU A 122 0.80 -5.97 -10.55
C LEU A 122 0.46 -7.46 -10.52
N ALA A 123 1.41 -8.32 -10.95
CA ALA A 123 1.11 -9.75 -10.98
C ALA A 123 0.83 -10.24 -9.56
N GLU A 124 1.53 -9.66 -8.58
CA GLU A 124 1.27 -10.05 -7.19
C GLU A 124 -0.12 -9.57 -6.76
N ARG A 125 -0.55 -8.39 -7.19
CA ARG A 125 -1.92 -7.95 -6.86
C ARG A 125 -2.95 -8.95 -7.39
N LYS A 126 -2.75 -9.42 -8.63
CA LYS A 126 -3.70 -10.35 -9.25
C LYS A 126 -3.76 -11.66 -8.49
N LYS A 127 -2.62 -12.08 -7.93
CA LYS A 127 -2.53 -13.30 -7.17
C LYS A 127 -3.34 -13.22 -5.88
N LEU A 128 -3.74 -12.03 -5.48
CA LEU A 128 -4.57 -11.85 -4.29
C LEU A 128 -6.05 -12.05 -4.59
N GLY A 129 -6.40 -12.11 -5.87
CA GLY A 129 -7.77 -12.27 -6.32
C GLY A 129 -8.43 -10.92 -6.52
N LEU A 130 -7.63 -9.85 -6.56
CA LEU A 130 -8.13 -8.51 -6.84
C LEU A 130 -8.17 -8.23 -8.34
N LYS A 131 -9.22 -7.54 -8.79
CA LYS A 131 -9.38 -7.17 -10.18
C LYS A 131 -8.92 -5.74 -10.43
#